data_1NUB
#
_entry.id   1NUB
#
_cell.length_a   51.860
_cell.length_b   88.140
_cell.length_c   153.730
_cell.angle_alpha   90.00
_cell.angle_beta   90.00
_cell.angle_gamma   90.00
#
_symmetry.space_group_name_H-M   'P 21 21 21'
#
loop_
_entity.id
_entity.type
_entity.pdbx_description
1 polymer 'BASEMENT MEMBRANE PROTEIN BM-40'
2 branched 2-acetamido-2-deoxy-beta-D-glucopyranose-(1-4)-2-acetamido-2-deoxy-beta-D-glucopyranose
3 non-polymer 'CALCIUM ION'
#
_entity_poly.entity_id   1
_entity_poly.type   'polypeptide(L)'
_entity_poly.pdbx_seq_one_letter_code
;APLAPCQNHHCKHGKVCELDENNTPMCVCQDPTSCPAPIGEFEKVCSNDNKTFDSSCHFFATKCTLEGTKKGHKLHLDYI
GPCKYIPPCLDSELTEFPLRMRDWLKNVLVTLYERDEDNNLLTEKQKLRVKKIHENEKRLEAGDHPEKNYNMYIFPVHWQ
FGQLDQHPIDGYLSHTELAPLRAPLIPMEHCTTRFFETCDLDNDKYIALDEWAGCFGIKQKDIDKDLVI
;
_entity_poly.pdbx_strand_id   A,B
#
loop_
_chem_comp.id
_chem_comp.type
_chem_comp.name
_chem_comp.formula
CA non-polymer 'CALCIUM ION' 'Ca 2'
NAG D-saccharide, beta linking 2-acetamido-2-deoxy-beta-D-glucopyranose 'C8 H15 N O6'
#
# COMPACT_ATOMS: atom_id res chain seq x y z
N ALA A 4 -10.29 19.31 2.54
CA ALA A 4 -10.14 20.53 3.40
C ALA A 4 -9.66 20.19 4.81
N PRO A 5 -10.38 19.30 5.52
CA PRO A 5 -9.94 18.95 6.88
C PRO A 5 -8.49 18.45 6.92
N CYS A 6 -7.99 18.03 5.76
CA CYS A 6 -6.62 17.54 5.64
C CYS A 6 -5.59 18.57 5.18
N GLN A 7 -6.06 19.68 4.62
CA GLN A 7 -5.17 20.74 4.11
C GLN A 7 -4.11 21.18 5.15
N ASN A 8 -4.49 21.15 6.42
CA ASN A 8 -3.55 21.53 7.46
C ASN A 8 -3.23 20.36 8.37
N HIS A 9 -3.50 19.16 7.88
CA HIS A 9 -3.24 17.93 8.63
C HIS A 9 -2.04 17.23 7.99
N HIS A 10 -1.01 16.96 8.78
CA HIS A 10 0.17 16.31 8.24
C HIS A 10 0.40 14.93 8.83
N CYS A 11 0.89 14.03 7.97
CA CYS A 11 1.13 12.66 8.36
C CYS A 11 2.59 12.27 8.35
N LYS A 12 2.91 11.18 9.05
CA LYS A 12 4.28 10.70 9.11
C LYS A 12 4.71 10.30 7.70
N HIS A 13 5.98 9.97 7.54
CA HIS A 13 6.51 9.54 6.25
C HIS A 13 5.71 8.32 5.80
N GLY A 14 5.43 8.24 4.50
CA GLY A 14 4.69 7.11 3.96
C GLY A 14 3.20 7.09 4.25
N LYS A 15 2.66 8.18 4.75
CA LYS A 15 1.24 8.26 5.03
C LYS A 15 0.63 9.49 4.39
N VAL A 16 -0.71 9.50 4.30
CA VAL A 16 -1.44 10.60 3.70
C VAL A 16 -2.73 10.76 4.48
N CYS A 17 -3.30 11.96 4.44
CA CYS A 17 -4.53 12.24 5.15
C CYS A 17 -5.73 12.02 4.24
N GLU A 18 -6.74 11.34 4.78
CA GLU A 18 -7.98 11.03 4.09
C GLU A 18 -9.03 11.22 5.16
N LEU A 19 -10.22 11.62 4.77
CA LEU A 19 -11.31 11.85 5.74
C LEU A 19 -12.02 10.55 6.02
N ASP A 20 -12.39 10.34 7.28
CA ASP A 20 -13.09 9.13 7.64
C ASP A 20 -14.57 9.36 7.44
N GLU A 21 -15.40 8.48 7.98
CA GLU A 21 -16.84 8.59 7.85
C GLU A 21 -17.37 9.87 8.51
N ASN A 22 -16.80 10.22 9.65
CA ASN A 22 -17.20 11.42 10.37
C ASN A 22 -16.61 12.66 9.70
N ASN A 23 -15.77 12.44 8.69
CA ASN A 23 -15.08 13.49 7.93
C ASN A 23 -13.82 13.94 8.66
N THR A 24 -13.53 13.24 9.76
CA THR A 24 -12.34 13.48 10.57
C THR A 24 -11.12 13.09 9.73
N PRO A 25 -10.10 13.95 9.67
CA PRO A 25 -8.93 13.61 8.88
C PRO A 25 -8.22 12.42 9.52
N MET A 26 -7.66 11.54 8.69
CA MET A 26 -6.95 10.37 9.17
C MET A 26 -5.81 10.01 8.23
N CYS A 27 -4.68 9.59 8.80
CA CYS A 27 -3.52 9.24 8.00
C CYS A 27 -3.46 7.78 7.61
N VAL A 28 -3.63 7.50 6.32
CA VAL A 28 -3.56 6.13 5.80
C VAL A 28 -2.26 6.03 5.00
N CYS A 29 -1.75 4.82 4.80
CA CYS A 29 -0.51 4.62 4.06
C CYS A 29 -0.68 5.16 2.67
N GLN A 30 0.37 5.79 2.15
CA GLN A 30 0.32 6.37 0.81
C GLN A 30 0.22 5.31 -0.26
N ASP A 31 -0.41 5.67 -1.37
CA ASP A 31 -0.60 4.79 -2.49
C ASP A 31 0.64 4.89 -3.36
N PRO A 32 1.38 3.78 -3.52
CA PRO A 32 2.59 3.83 -4.34
C PRO A 32 2.31 4.36 -5.74
N THR A 33 1.08 4.14 -6.22
CA THR A 33 0.71 4.61 -7.54
C THR A 33 0.69 6.13 -7.54
N SER A 34 0.45 6.73 -6.37
CA SER A 34 0.42 8.17 -6.25
C SER A 34 1.83 8.74 -6.03
N CYS A 35 2.84 7.94 -6.38
CA CYS A 35 4.23 8.33 -6.27
C CYS A 35 4.70 8.61 -7.69
N PRO A 36 5.43 9.70 -7.90
CA PRO A 36 5.90 10.02 -9.25
C PRO A 36 6.86 8.97 -9.76
N ALA A 37 7.06 8.97 -11.07
CA ALA A 37 8.01 8.07 -11.70
C ALA A 37 9.30 8.87 -11.62
N PRO A 38 10.42 8.21 -11.29
CA PRO A 38 11.70 8.92 -11.19
C PRO A 38 12.12 9.55 -12.50
N ILE A 39 12.81 10.69 -12.41
CA ILE A 39 13.29 11.37 -13.60
C ILE A 39 14.53 10.60 -14.06
N GLY A 40 15.16 9.89 -13.13
CA GLY A 40 16.34 9.12 -13.44
C GLY A 40 16.56 7.99 -12.45
N GLU A 41 17.50 7.10 -12.78
CA GLU A 41 17.84 5.96 -11.94
C GLU A 41 18.38 6.40 -10.58
N PHE A 42 19.10 7.53 -10.57
CA PHE A 42 19.68 8.06 -9.34
C PHE A 42 18.63 8.39 -8.28
N GLU A 43 17.38 8.54 -8.69
CA GLU A 43 16.30 8.85 -7.77
C GLU A 43 15.75 7.60 -7.05
N LYS A 44 16.17 6.42 -7.52
CA LYS A 44 15.75 5.17 -6.88
C LYS A 44 16.45 5.07 -5.53
N VAL A 45 16.03 4.11 -4.70
CA VAL A 45 16.66 3.96 -3.38
C VAL A 45 16.87 2.48 -3.08
N CYS A 46 17.78 2.19 -2.16
CA CYS A 46 18.05 0.81 -1.80
C CYS A 46 17.69 0.53 -0.34
N SER A 47 16.80 -0.43 -0.12
CA SER A 47 16.37 -0.83 1.21
C SER A 47 17.54 -1.58 1.85
N ASN A 48 17.41 -1.97 3.12
CA ASN A 48 18.50 -2.69 3.77
C ASN A 48 18.63 -4.15 3.35
N ASP A 49 17.60 -4.71 2.72
CA ASP A 49 17.67 -6.09 2.26
C ASP A 49 18.04 -6.12 0.78
N ASN A 50 18.87 -5.16 0.39
CA ASN A 50 19.36 -5.00 -0.98
C ASN A 50 18.30 -4.98 -2.06
N LYS A 51 17.12 -4.45 -1.73
CA LYS A 51 16.04 -4.35 -2.70
C LYS A 51 15.93 -2.88 -3.10
N THR A 52 16.06 -2.62 -4.40
CA THR A 52 16.00 -1.27 -4.90
C THR A 52 14.60 -0.80 -5.25
N PHE A 53 14.01 0.01 -4.37
CA PHE A 53 12.68 0.56 -4.61
C PHE A 53 12.85 1.66 -5.64
N ASP A 54 11.75 2.12 -6.22
CA ASP A 54 11.82 3.13 -7.27
C ASP A 54 11.94 4.57 -6.80
N SER A 55 11.79 4.80 -5.51
CA SER A 55 11.90 6.15 -4.96
C SER A 55 11.62 6.03 -3.47
N SER A 56 11.89 7.08 -2.71
CA SER A 56 11.63 7.06 -1.28
C SER A 56 10.13 6.93 -1.08
N CYS A 57 9.36 7.56 -1.96
CA CYS A 57 7.89 7.51 -1.87
C CYS A 57 7.43 6.06 -1.92
N HIS A 58 7.92 5.35 -2.92
CA HIS A 58 7.58 3.95 -3.07
C HIS A 58 8.04 3.19 -1.81
N PHE A 59 9.30 3.37 -1.43
CA PHE A 59 9.82 2.67 -0.25
C PHE A 59 9.00 2.92 0.99
N PHE A 60 8.89 4.18 1.39
CA PHE A 60 8.16 4.54 2.60
C PHE A 60 6.71 4.09 2.64
N ALA A 61 6.02 4.18 1.50
CA ALA A 61 4.64 3.75 1.40
C ALA A 61 4.56 2.22 1.60
N THR A 62 5.53 1.49 1.04
CA THR A 62 5.61 0.05 1.18
C THR A 62 5.82 -0.28 2.66
N LYS A 63 6.85 0.32 3.25
CA LYS A 63 7.18 0.11 4.65
C LYS A 63 6.01 0.44 5.58
N CYS A 64 5.08 1.27 5.11
CA CYS A 64 3.93 1.66 5.90
C CYS A 64 2.89 0.56 6.04
N THR A 65 2.67 -0.20 4.98
CA THR A 65 1.70 -1.28 5.02
C THR A 65 2.19 -2.32 6.03
N LEU A 66 3.52 -2.43 6.12
CA LEU A 66 4.18 -3.37 7.02
C LEU A 66 4.25 -2.88 8.46
N GLU A 67 3.67 -1.71 8.73
CA GLU A 67 3.67 -1.12 10.07
C GLU A 67 3.09 -2.11 11.08
N GLY A 68 3.80 -2.30 12.19
CA GLY A 68 3.33 -3.21 13.22
C GLY A 68 3.73 -4.66 12.97
N THR A 69 4.31 -4.91 11.81
CA THR A 69 4.76 -6.25 11.42
C THR A 69 6.26 -6.40 11.70
N LYS A 70 6.72 -7.64 11.88
CA LYS A 70 8.14 -7.89 12.13
C LYS A 70 8.95 -7.41 10.93
N LYS A 71 8.52 -7.81 9.72
CA LYS A 71 9.17 -7.44 8.47
C LYS A 71 9.27 -5.93 8.36
N GLY A 72 8.18 -5.25 8.72
CA GLY A 72 8.16 -3.80 8.66
C GLY A 72 9.14 -3.21 9.64
N HIS A 73 9.25 -3.83 10.82
CA HIS A 73 10.14 -3.35 11.86
C HIS A 73 11.58 -3.38 11.39
N LYS A 74 11.93 -4.43 10.67
CA LYS A 74 13.30 -4.60 10.17
C LYS A 74 13.54 -3.93 8.81
N LEU A 75 12.48 -3.47 8.15
CA LEU A 75 12.60 -2.83 6.86
C LEU A 75 13.14 -1.42 7.06
N HIS A 76 14.26 -1.10 6.41
CA HIS A 76 14.85 0.22 6.54
C HIS A 76 15.55 0.66 5.28
N LEU A 77 15.55 1.98 5.04
CA LEU A 77 16.22 2.55 3.87
C LEU A 77 17.71 2.48 4.16
N ASP A 78 18.47 1.91 3.23
CA ASP A 78 19.91 1.76 3.41
C ASP A 78 20.60 3.00 2.86
N TYR A 79 20.26 3.37 1.63
CA TYR A 79 20.83 4.56 1.01
C TYR A 79 20.12 4.95 -0.27
N ILE A 80 20.16 6.23 -0.59
CA ILE A 80 19.53 6.79 -1.79
C ILE A 80 20.30 6.26 -3.00
N GLY A 81 19.60 6.05 -4.10
CA GLY A 81 20.22 5.52 -5.31
C GLY A 81 19.93 4.03 -5.40
N PRO A 82 20.00 3.43 -6.60
CA PRO A 82 19.73 2.00 -6.73
C PRO A 82 20.80 1.15 -6.03
N CYS A 83 20.42 -0.08 -5.69
CA CYS A 83 21.32 -1.00 -5.02
C CYS A 83 22.56 -1.28 -5.85
N LYS A 84 23.69 -1.47 -5.17
CA LYS A 84 24.95 -1.69 -5.83
C LYS A 84 25.89 -2.50 -4.96
N TYR A 85 26.99 -2.97 -5.54
CA TYR A 85 27.94 -3.73 -4.74
C TYR A 85 28.62 -2.81 -3.73
N ILE A 86 28.55 -3.21 -2.47
CA ILE A 86 29.16 -2.48 -1.38
C ILE A 86 30.21 -3.42 -0.84
N PRO A 87 31.49 -3.03 -0.91
CA PRO A 87 32.58 -3.86 -0.41
C PRO A 87 32.50 -3.96 1.10
N PRO A 88 33.12 -5.00 1.68
CA PRO A 88 33.06 -5.13 3.13
C PRO A 88 33.97 -4.16 3.88
N CYS A 89 33.54 -3.80 5.09
CA CYS A 89 34.30 -2.91 5.94
C CYS A 89 35.37 -3.72 6.66
N LEU A 90 36.62 -3.58 6.24
CA LEU A 90 37.72 -4.28 6.89
C LEU A 90 37.87 -3.72 8.31
N ASP A 91 38.40 -4.52 9.22
CA ASP A 91 38.59 -4.07 10.59
C ASP A 91 39.42 -2.79 10.75
N SER A 92 40.40 -2.59 9.86
CA SER A 92 41.24 -1.40 9.92
C SER A 92 40.40 -0.17 9.55
N GLU A 93 39.60 -0.32 8.50
CA GLU A 93 38.72 0.74 8.02
C GLU A 93 37.82 1.19 9.17
N LEU A 94 37.18 0.22 9.82
CA LEU A 94 36.31 0.47 10.95
C LEU A 94 37.00 1.22 12.09
N THR A 95 38.31 1.12 12.18
CA THR A 95 39.04 1.81 13.25
C THR A 95 39.26 3.28 12.91
N GLU A 96 39.41 3.58 11.62
CA GLU A 96 39.61 4.96 11.18
C GLU A 96 38.30 5.72 11.07
N PHE A 97 37.24 5.00 10.69
CA PHE A 97 35.93 5.61 10.48
C PHE A 97 35.53 6.78 11.40
N PRO A 98 35.57 6.58 12.73
CA PRO A 98 35.19 7.70 13.59
C PRO A 98 36.11 8.90 13.43
N LEU A 99 37.40 8.62 13.24
CA LEU A 99 38.40 9.65 13.08
C LEU A 99 38.19 10.44 11.80
N ARG A 100 38.08 9.74 10.68
CA ARG A 100 37.87 10.38 9.38
C ARG A 100 36.52 11.06 9.32
N MET A 101 35.51 10.44 9.94
CA MET A 101 34.15 10.96 9.95
C MET A 101 34.08 12.31 10.62
N ARG A 102 34.55 12.41 11.85
CA ARG A 102 34.48 13.66 12.60
C ARG A 102 35.25 14.83 12.00
N ASP A 103 36.29 14.56 11.22
CA ASP A 103 37.02 15.64 10.56
C ASP A 103 36.17 16.06 9.37
N TRP A 104 35.60 15.07 8.69
CA TRP A 104 34.74 15.30 7.53
C TRP A 104 33.59 16.19 7.98
N LEU A 105 32.98 15.84 9.11
CA LEU A 105 31.86 16.59 9.65
C LEU A 105 32.24 18.04 9.96
N LYS A 106 33.42 18.24 10.54
CA LYS A 106 33.89 19.59 10.86
C LYS A 106 34.02 20.41 9.57
N ASN A 107 34.71 19.83 8.58
CA ASN A 107 34.89 20.49 7.29
C ASN A 107 33.57 20.78 6.62
N VAL A 108 32.66 19.80 6.66
CA VAL A 108 31.34 19.97 6.07
C VAL A 108 30.67 21.20 6.71
N LEU A 109 30.87 21.35 8.02
CA LEU A 109 30.30 22.45 8.78
C LEU A 109 30.97 23.79 8.43
N VAL A 110 32.27 23.79 8.15
CA VAL A 110 32.96 25.03 7.83
C VAL A 110 32.57 25.64 6.48
N THR A 111 32.41 24.82 5.44
CA THR A 111 32.03 25.34 4.14
C THR A 111 30.52 25.49 4.01
N LEU A 112 29.77 24.84 4.90
CA LEU A 112 28.32 24.94 4.87
C LEU A 112 27.87 26.21 5.55
N TYR A 113 28.39 26.44 6.74
CA TYR A 113 28.06 27.64 7.49
C TYR A 113 29.27 28.55 7.43
N GLU A 114 29.29 29.44 6.44
CA GLU A 114 30.42 30.36 6.26
C GLU A 114 30.12 31.78 6.68
N ARG A 115 28.89 32.21 6.45
CA ARG A 115 28.46 33.57 6.75
C ARG A 115 27.19 33.53 7.58
N ASP A 116 26.81 34.68 8.13
CA ASP A 116 25.62 34.79 8.95
C ASP A 116 24.36 34.38 8.20
N GLU A 117 24.40 34.49 6.88
CA GLU A 117 23.28 34.11 6.04
C GLU A 117 23.16 32.59 6.08
N ASP A 118 24.30 31.91 6.21
CA ASP A 118 24.33 30.46 6.29
C ASP A 118 23.84 30.07 7.68
N ASN A 119 24.22 30.86 8.67
CA ASN A 119 23.85 30.62 10.06
C ASN A 119 22.41 31.01 10.36
N ASN A 120 21.53 30.88 9.37
CA ASN A 120 20.12 31.27 9.55
C ASN A 120 19.26 30.46 10.52
N LEU A 121 19.30 29.14 10.40
CA LEU A 121 18.46 28.30 11.27
C LEU A 121 19.15 27.89 12.58
N LEU A 122 20.35 28.41 12.81
CA LEU A 122 21.12 28.09 14.01
C LEU A 122 20.77 28.99 15.17
N THR A 123 20.73 28.42 16.37
CA THR A 123 20.47 29.20 17.57
C THR A 123 21.73 30.03 17.82
N GLU A 124 21.71 30.89 18.82
CA GLU A 124 22.88 31.73 19.10
C GLU A 124 24.05 30.91 19.64
N LYS A 125 23.74 29.98 20.53
CA LYS A 125 24.74 29.09 21.15
C LYS A 125 25.51 28.34 20.06
N GLN A 126 24.78 27.89 19.03
CA GLN A 126 25.35 27.17 17.90
C GLN A 126 26.12 28.13 17.01
N LYS A 127 25.54 29.29 16.70
CA LYS A 127 26.20 30.31 15.88
C LYS A 127 27.58 30.58 16.46
N LEU A 128 27.65 30.67 17.79
CA LEU A 128 28.90 30.93 18.48
C LEU A 128 29.88 29.77 18.28
N ARG A 129 29.39 28.55 18.35
CA ARG A 129 30.27 27.40 18.16
C ARG A 129 30.93 27.42 16.78
N VAL A 130 30.18 27.70 15.72
CA VAL A 130 30.78 27.71 14.39
C VAL A 130 31.75 28.88 14.25
N LYS A 131 31.44 29.99 14.92
CA LYS A 131 32.30 31.17 14.89
C LYS A 131 33.68 30.69 15.35
N LYS A 132 33.68 30.02 16.48
CA LYS A 132 34.90 29.47 17.06
C LYS A 132 35.58 28.50 16.09
N ILE A 133 34.80 27.61 15.49
CA ILE A 133 35.34 26.64 14.52
C ILE A 133 36.13 27.44 13.48
N HIS A 134 35.51 28.52 13.01
CA HIS A 134 36.12 29.38 12.01
C HIS A 134 37.36 30.07 12.51
N GLU A 135 37.33 30.49 13.78
CA GLU A 135 38.48 31.16 14.36
C GLU A 135 39.66 30.20 14.35
N ASN A 136 39.39 28.94 14.72
CA ASN A 136 40.39 27.89 14.76
C ASN A 136 40.94 27.52 13.39
N GLU A 137 40.05 27.36 12.43
CA GLU A 137 40.46 27.00 11.07
C GLU A 137 41.44 28.03 10.54
N LYS A 138 41.12 29.32 10.70
CA LYS A 138 41.98 30.40 10.24
C LYS A 138 43.36 30.27 10.88
N ARG A 139 43.37 29.84 12.14
CA ARG A 139 44.61 29.68 12.87
C ARG A 139 45.43 28.51 12.30
N LEU A 140 44.74 27.43 11.94
CA LEU A 140 45.41 26.26 11.37
C LEU A 140 46.04 26.63 10.03
N GLU A 141 45.57 27.71 9.44
CA GLU A 141 46.08 28.18 8.16
C GLU A 141 47.25 29.14 8.32
N ALA A 142 47.73 29.35 9.55
CA ALA A 142 48.83 30.27 9.76
C ALA A 142 49.70 30.12 11.02
N GLY A 143 49.39 29.15 11.89
CA GLY A 143 50.18 28.97 13.09
C GLY A 143 51.42 28.12 12.88
N ASP A 144 52.60 28.65 13.24
CA ASP A 144 53.87 27.93 13.08
C ASP A 144 53.81 26.42 13.33
N HIS A 145 53.24 26.04 14.47
CA HIS A 145 53.11 24.62 14.80
C HIS A 145 51.66 24.33 15.11
N PRO A 146 50.98 23.55 14.24
CA PRO A 146 49.57 23.20 14.42
C PRO A 146 49.37 22.47 15.75
N GLU A 147 48.23 22.71 16.37
CA GLU A 147 47.90 22.07 17.64
C GLU A 147 46.75 21.09 17.44
N LYS A 148 46.61 20.18 18.41
CA LYS A 148 45.56 19.18 18.33
C LYS A 148 44.31 19.73 19.00
N ASN A 149 43.20 19.81 18.26
CA ASN A 149 41.98 20.31 18.89
C ASN A 149 40.70 19.53 18.77
N TYR A 150 40.49 18.69 19.78
CA TYR A 150 39.32 17.82 19.89
C TYR A 150 38.05 18.66 20.08
N ASN A 151 38.19 19.82 20.71
CA ASN A 151 37.06 20.71 21.00
C ASN A 151 36.34 21.07 19.73
N MET A 152 37.10 21.28 18.67
CA MET A 152 36.55 21.65 17.38
C MET A 152 35.72 20.55 16.75
N TYR A 153 35.56 19.43 17.46
CA TYR A 153 34.77 18.31 16.99
C TYR A 153 33.41 18.24 17.67
N ILE A 154 33.36 18.75 18.90
CA ILE A 154 32.14 18.73 19.68
C ILE A 154 30.93 19.19 18.90
N PHE A 155 30.95 20.42 18.38
CA PHE A 155 29.77 20.90 17.64
C PHE A 155 29.49 20.16 16.33
N PRO A 156 30.48 19.95 15.47
CA PRO A 156 30.21 19.25 14.21
C PRO A 156 29.47 17.93 14.50
N VAL A 157 29.94 17.22 15.52
CA VAL A 157 29.34 15.95 15.92
C VAL A 157 27.91 16.12 16.44
N HIS A 158 27.65 17.15 17.22
CA HIS A 158 26.29 17.38 17.73
C HIS A 158 25.39 17.77 16.57
N TRP A 159 25.91 18.67 15.76
CA TRP A 159 25.22 19.17 14.58
C TRP A 159 24.69 18.00 13.74
N GLN A 160 25.61 17.17 13.27
CA GLN A 160 25.26 16.02 12.47
C GLN A 160 24.12 15.20 13.06
N PHE A 161 24.13 14.98 14.37
CA PHE A 161 23.07 14.20 14.99
C PHE A 161 21.73 14.85 14.72
N GLY A 162 21.62 16.14 15.03
CA GLY A 162 20.38 16.87 14.81
C GLY A 162 19.94 16.85 13.36
N GLN A 163 20.87 16.96 12.45
CA GLN A 163 20.55 16.95 11.03
C GLN A 163 19.88 15.64 10.68
N LEU A 164 20.45 14.53 11.15
CA LEU A 164 19.93 13.19 10.86
C LEU A 164 18.64 12.84 11.59
N ASP A 165 18.54 13.23 12.86
CA ASP A 165 17.36 12.97 13.67
C ASP A 165 16.15 13.76 13.15
N GLN A 166 15.55 13.25 12.08
CA GLN A 166 14.40 13.91 11.48
C GLN A 166 13.14 13.06 11.37
N HIS A 167 13.28 11.83 10.89
CA HIS A 167 12.12 10.96 10.71
C HIS A 167 12.01 9.77 11.66
N PRO A 168 11.47 10.00 12.87
CA PRO A 168 10.99 11.27 13.38
C PRO A 168 11.99 11.87 14.36
N ILE A 169 11.85 13.16 14.65
CA ILE A 169 12.72 13.85 15.58
C ILE A 169 12.35 13.29 16.96
N ASP A 170 13.12 12.29 17.42
CA ASP A 170 12.86 11.64 18.71
C ASP A 170 14.09 11.53 19.60
N GLY A 171 15.25 11.82 19.06
CA GLY A 171 16.47 11.75 19.84
C GLY A 171 17.28 10.51 19.57
N TYR A 172 16.82 9.69 18.63
CA TYR A 172 17.52 8.46 18.26
C TYR A 172 17.62 8.43 16.74
N LEU A 173 18.63 7.74 16.23
CA LEU A 173 18.79 7.62 14.79
C LEU A 173 18.57 6.16 14.40
N SER A 174 17.64 5.96 13.49
CA SER A 174 17.32 4.63 13.02
C SER A 174 18.20 4.30 11.81
N HIS A 175 18.21 3.05 11.39
CA HIS A 175 19.00 2.63 10.24
C HIS A 175 18.67 3.50 9.03
N THR A 176 17.40 3.91 8.95
CA THR A 176 16.88 4.75 7.86
C THR A 176 17.49 6.14 7.95
N GLU A 177 17.49 6.69 9.15
CA GLU A 177 18.03 8.03 9.39
C GLU A 177 19.51 8.17 9.12
N LEU A 178 20.24 7.06 9.19
CA LEU A 178 21.68 7.08 8.94
C LEU A 178 21.95 6.92 7.44
N ALA A 179 20.88 6.74 6.67
CA ALA A 179 21.01 6.58 5.22
C ALA A 179 21.86 7.66 4.58
N PRO A 180 21.70 8.94 4.98
CA PRO A 180 22.51 10.00 4.38
C PRO A 180 24.02 9.77 4.54
N LEU A 181 24.39 9.10 5.62
CA LEU A 181 25.79 8.82 5.87
C LEU A 181 26.33 7.65 5.07
N ARG A 182 25.50 7.05 4.23
CA ARG A 182 25.96 5.93 3.41
C ARG A 182 26.19 6.36 1.98
N ALA A 183 26.15 7.68 1.74
CA ALA A 183 26.36 8.24 0.40
C ALA A 183 27.82 8.21 0.02
N PRO A 184 28.11 8.16 -1.29
CA PRO A 184 29.46 8.12 -1.86
C PRO A 184 30.43 9.20 -1.40
N LEU A 185 29.89 10.33 -0.97
CA LEU A 185 30.74 11.44 -0.54
C LEU A 185 31.36 11.16 0.82
N ILE A 186 30.62 10.48 1.68
CA ILE A 186 31.12 10.15 3.01
C ILE A 186 32.38 9.28 2.89
N PRO A 187 33.39 9.54 3.73
CA PRO A 187 34.59 8.71 3.63
C PRO A 187 34.37 7.35 4.28
N MET A 188 34.58 6.29 3.51
CA MET A 188 34.40 4.92 4.00
C MET A 188 32.95 4.73 4.43
N GLU A 189 32.03 5.18 3.58
CA GLU A 189 30.62 5.08 3.88
C GLU A 189 30.20 3.64 4.11
N HIS A 190 30.89 2.70 3.47
CA HIS A 190 30.57 1.28 3.63
C HIS A 190 30.78 0.77 5.06
N CYS A 191 31.44 1.58 5.91
CA CYS A 191 31.67 1.20 7.29
C CYS A 191 30.62 1.78 8.25
N THR A 192 29.72 2.60 7.71
CA THR A 192 28.67 3.24 8.49
C THR A 192 27.80 2.28 9.32
N THR A 193 27.23 1.27 8.66
CA THR A 193 26.38 0.33 9.37
C THR A 193 27.17 -0.48 10.40
N ARG A 194 28.32 -1.01 10.01
CA ARG A 194 29.13 -1.78 10.92
C ARG A 194 29.49 -0.90 12.11
N PHE A 195 30.02 0.29 11.82
CA PHE A 195 30.41 1.21 12.87
C PHE A 195 29.27 1.54 13.82
N PHE A 196 28.18 2.07 13.28
CA PHE A 196 27.07 2.44 14.14
C PHE A 196 26.51 1.28 14.94
N GLU A 197 26.56 0.06 14.38
CA GLU A 197 26.10 -1.12 15.11
C GLU A 197 27.00 -1.14 16.34
N THR A 198 28.29 -0.99 16.12
CA THR A 198 29.28 -0.96 17.18
C THR A 198 28.88 0.07 18.24
N CYS A 199 28.22 1.14 17.80
CA CYS A 199 27.79 2.21 18.70
C CYS A 199 26.50 1.93 19.46
N ASP A 200 25.65 1.06 18.90
CA ASP A 200 24.36 0.70 19.51
C ASP A 200 24.56 -0.12 20.79
N LEU A 201 25.00 0.56 21.84
CA LEU A 201 25.26 -0.07 23.13
C LEU A 201 24.18 -1.00 23.65
N ASP A 202 23.02 -0.47 24.00
CA ASP A 202 21.94 -1.31 24.53
C ASP A 202 21.27 -2.21 23.50
N ASN A 203 21.71 -2.09 22.26
CA ASN A 203 21.21 -2.90 21.17
C ASN A 203 19.71 -2.80 20.92
N ASP A 204 19.17 -1.58 20.88
CA ASP A 204 17.74 -1.34 20.61
C ASP A 204 17.55 -0.94 19.15
N LYS A 205 18.65 -0.91 18.41
CA LYS A 205 18.68 -0.57 17.00
C LYS A 205 18.52 0.91 16.73
N TYR A 206 18.77 1.73 17.75
CA TYR A 206 18.70 3.18 17.64
C TYR A 206 19.95 3.74 18.27
N ILE A 207 20.51 4.78 17.67
CA ILE A 207 21.69 5.41 18.24
C ILE A 207 21.20 6.64 18.99
N ALA A 208 21.34 6.65 20.30
CA ALA A 208 20.93 7.78 21.12
C ALA A 208 22.08 8.78 21.14
N LEU A 209 21.78 10.03 21.50
CA LEU A 209 22.79 11.07 21.51
C LEU A 209 24.08 10.70 22.23
N ASP A 210 23.96 10.12 23.42
CA ASP A 210 25.16 9.72 24.18
C ASP A 210 25.92 8.60 23.46
N GLU A 211 25.19 7.73 22.78
CA GLU A 211 25.80 6.64 22.02
C GLU A 211 26.53 7.23 20.82
N TRP A 212 25.88 8.17 20.15
CA TRP A 212 26.44 8.85 19.00
C TRP A 212 27.69 9.63 19.40
N ALA A 213 27.53 10.52 20.36
CA ALA A 213 28.62 11.36 20.86
C ALA A 213 29.78 10.48 21.29
N GLY A 214 29.49 9.53 22.16
CA GLY A 214 30.51 8.63 22.67
C GLY A 214 31.29 7.98 21.55
N CYS A 215 30.59 7.47 20.55
CA CYS A 215 31.25 6.80 19.44
C CYS A 215 32.23 7.68 18.68
N PHE A 216 32.08 8.99 18.80
CA PHE A 216 32.98 9.92 18.12
C PHE A 216 34.03 10.52 19.04
N GLY A 217 33.98 10.06 20.29
CA GLY A 217 34.96 10.50 21.28
C GLY A 217 34.68 11.79 22.00
N ILE A 218 33.40 12.17 22.08
CA ILE A 218 33.06 13.41 22.77
C ILE A 218 32.87 13.00 24.22
N LYS A 219 33.50 13.73 25.13
CA LYS A 219 33.39 13.44 26.56
C LYS A 219 31.95 13.63 26.95
N GLN A 220 31.49 12.85 27.92
CA GLN A 220 30.11 12.95 28.40
C GLN A 220 29.84 14.33 28.97
N LYS A 221 30.90 14.99 29.42
CA LYS A 221 30.80 16.33 29.98
C LYS A 221 30.44 17.32 28.89
N ASP A 222 30.93 17.06 27.69
CA ASP A 222 30.70 17.96 26.56
C ASP A 222 29.45 17.63 25.74
N ILE A 223 28.60 16.75 26.24
CA ILE A 223 27.37 16.41 25.52
C ILE A 223 26.32 17.39 25.95
N ASP A 224 26.00 18.29 25.03
CA ASP A 224 25.02 19.33 25.22
C ASP A 224 23.90 19.03 24.24
N LYS A 225 22.66 19.06 24.71
CA LYS A 225 21.52 18.78 23.84
C LYS A 225 21.10 20.07 23.12
N ASP A 226 21.42 21.21 23.71
CA ASP A 226 21.08 22.50 23.11
C ASP A 226 21.68 22.59 21.73
N LEU A 227 22.88 22.02 21.59
CA LEU A 227 23.60 22.05 20.31
C LEU A 227 22.91 21.22 19.21
N VAL A 228 21.91 20.46 19.60
CA VAL A 228 21.16 19.62 18.68
C VAL A 228 19.78 20.21 18.39
N ILE A 229 19.46 21.29 19.10
CA ILE A 229 18.19 22.01 18.98
C ILE A 229 18.05 22.70 17.63
N ALA B 4 5.51 -19.53 8.61
CA ALA B 4 4.81 -20.77 9.05
C ALA B 4 3.45 -20.47 9.68
N PRO B 5 3.42 -19.61 10.73
CA PRO B 5 2.12 -19.31 11.35
C PRO B 5 1.09 -18.80 10.35
N CYS B 6 1.58 -18.33 9.21
CA CYS B 6 0.71 -17.81 8.16
C CYS B 6 0.35 -18.81 7.05
N GLN B 7 1.09 -19.91 6.96
CA GLN B 7 0.86 -20.93 5.93
C GLN B 7 -0.61 -21.39 5.85
N ASN B 8 -1.26 -21.42 7.00
CA ASN B 8 -2.65 -21.83 7.04
C ASN B 8 -3.55 -20.68 7.47
N HIS B 9 -3.04 -19.46 7.37
CA HIS B 9 -3.78 -18.26 7.75
C HIS B 9 -4.15 -17.52 6.47
N HIS B 10 -5.43 -17.27 6.26
CA HIS B 10 -5.88 -16.57 5.06
C HIS B 10 -6.48 -15.22 5.35
N CYS B 11 -6.22 -14.29 4.45
CA CYS B 11 -6.69 -12.92 4.58
C CYS B 11 -7.70 -12.52 3.53
N LYS B 12 -8.43 -11.44 3.82
CA LYS B 12 -9.43 -10.94 2.88
C LYS B 12 -8.71 -10.48 1.62
N HIS B 13 -9.47 -10.13 0.60
CA HIS B 13 -8.91 -9.65 -0.66
C HIS B 13 -8.05 -8.42 -0.34
N GLY B 14 -6.92 -8.30 -1.03
CA GLY B 14 -6.04 -7.15 -0.83
C GLY B 14 -5.22 -7.16 0.45
N LYS B 15 -5.20 -8.29 1.15
CA LYS B 15 -4.42 -8.40 2.38
C LYS B 15 -3.50 -9.61 2.33
N VAL B 16 -2.53 -9.64 3.22
CA VAL B 16 -1.57 -10.73 3.32
C VAL B 16 -1.23 -10.94 4.78
N CYS B 17 -0.81 -12.14 5.12
CA CYS B 17 -0.46 -12.47 6.49
C CYS B 17 1.03 -12.23 6.74
N GLU B 18 1.31 -11.59 7.86
CA GLU B 18 2.66 -11.27 8.30
C GLU B 18 2.61 -11.52 9.80
N LEU B 19 3.72 -11.92 10.38
CA LEU B 19 3.77 -12.20 11.81
C LEU B 19 4.05 -10.92 12.57
N ASP B 20 3.38 -10.75 13.71
CA ASP B 20 3.58 -9.57 14.52
C ASP B 20 4.76 -9.82 15.45
N GLU B 21 4.92 -8.97 16.44
CA GLU B 21 6.01 -9.10 17.40
C GLU B 21 5.92 -10.41 18.19
N ASN B 22 4.70 -10.80 18.55
CA ASN B 22 4.47 -12.03 19.29
C ASN B 22 4.57 -13.24 18.35
N ASN B 23 4.72 -12.96 17.06
CA ASN B 23 4.81 -13.97 16.01
C ASN B 23 3.43 -14.42 15.57
N THR B 24 2.42 -13.76 16.14
CA THR B 24 1.01 -14.01 15.84
C THR B 24 0.77 -13.58 14.39
N PRO B 25 0.13 -14.43 13.58
CA PRO B 25 -0.11 -14.03 12.19
C PRO B 25 -1.08 -12.85 12.16
N MET B 26 -0.88 -11.94 11.22
CA MET B 26 -1.74 -10.77 11.09
C MET B 26 -1.85 -10.37 9.62
N CYS B 27 -3.04 -9.96 9.21
CA CYS B 27 -3.28 -9.56 7.83
C CYS B 27 -3.05 -8.07 7.57
N VAL B 28 -2.00 -7.76 6.81
CA VAL B 28 -1.70 -6.38 6.46
C VAL B 28 -2.02 -6.22 4.96
N CYS B 29 -2.24 -5.00 4.50
CA CYS B 29 -2.56 -4.75 3.10
C CYS B 29 -1.44 -5.24 2.24
N GLN B 30 -1.77 -5.83 1.10
CA GLN B 30 -0.77 -6.38 0.21
C GLN B 30 0.07 -5.27 -0.42
N ASP B 31 1.31 -5.60 -0.74
CA ASP B 31 2.23 -4.68 -1.35
C ASP B 31 2.01 -4.74 -2.84
N PRO B 32 1.61 -3.62 -3.46
CA PRO B 32 1.37 -3.60 -4.90
C PRO B 32 2.59 -4.08 -5.67
N THR B 33 3.76 -3.87 -5.11
CA THR B 33 4.99 -4.29 -5.76
C THR B 33 5.04 -5.82 -5.81
N SER B 34 4.36 -6.45 -4.85
CA SER B 34 4.31 -7.91 -4.80
C SER B 34 3.19 -8.47 -5.69
N CYS B 35 2.74 -7.64 -6.63
CA CYS B 35 1.69 -8.02 -7.57
C CYS B 35 2.42 -8.22 -8.90
N PRO B 36 2.09 -9.31 -9.61
CA PRO B 36 2.75 -9.56 -10.90
C PRO B 36 2.44 -8.49 -11.92
N ALA B 37 3.25 -8.43 -12.96
CA ALA B 37 3.04 -7.49 -14.04
C ALA B 37 2.10 -8.28 -14.95
N PRO B 38 1.08 -7.61 -15.52
CA PRO B 38 0.13 -8.30 -16.40
C PRO B 38 0.80 -8.89 -17.63
N ILE B 39 0.28 -10.02 -18.11
CA ILE B 39 0.82 -10.64 -19.30
C ILE B 39 0.29 -9.84 -20.49
N GLY B 40 -0.83 -9.15 -20.27
CA GLY B 40 -1.42 -8.35 -21.32
C GLY B 40 -2.32 -7.26 -20.76
N GLU B 41 -2.73 -6.35 -21.62
CA GLU B 41 -3.60 -5.22 -21.25
C GLU B 41 -4.95 -5.71 -20.72
N PHE B 42 -5.44 -6.83 -21.27
CA PHE B 42 -6.71 -7.40 -20.87
C PHE B 42 -6.76 -7.78 -19.39
N GLU B 43 -5.59 -7.93 -18.78
CA GLU B 43 -5.52 -8.28 -17.36
C GLU B 43 -5.67 -7.08 -16.44
N LYS B 44 -5.65 -5.88 -17.02
CA LYS B 44 -5.84 -4.65 -16.23
C LYS B 44 -7.30 -4.59 -15.79
N VAL B 45 -7.64 -3.68 -14.89
CA VAL B 45 -9.01 -3.57 -14.44
C VAL B 45 -9.41 -2.10 -14.33
N CYS B 46 -10.71 -1.83 -14.34
CA CYS B 46 -11.19 -0.46 -14.24
C CYS B 46 -11.99 -0.23 -12.96
N SER B 47 -11.55 0.71 -12.14
CA SER B 47 -12.23 1.06 -10.89
C SER B 47 -13.51 1.79 -11.27
N ASN B 48 -14.35 2.13 -10.29
CA ASN B 48 -15.58 2.84 -10.61
C ASN B 48 -15.40 4.32 -10.94
N ASP B 49 -14.24 4.88 -10.60
CA ASP B 49 -13.98 6.28 -10.92
C ASP B 49 -13.16 6.37 -12.21
N ASN B 50 -13.43 5.44 -13.12
CA ASN B 50 -12.77 5.34 -14.41
C ASN B 50 -11.25 5.35 -14.39
N LYS B 51 -10.68 4.79 -13.33
CA LYS B 51 -9.22 4.69 -13.22
C LYS B 51 -8.83 3.25 -13.47
N THR B 52 -7.99 3.05 -14.47
CA THR B 52 -7.56 1.70 -14.81
C THR B 52 -6.33 1.22 -14.06
N PHE B 53 -6.55 0.38 -13.05
CA PHE B 53 -5.45 -0.18 -12.28
C PHE B 53 -4.80 -1.24 -13.15
N ASP B 54 -3.62 -1.69 -12.76
CA ASP B 54 -2.89 -2.67 -13.57
C ASP B 54 -3.28 -4.11 -13.40
N SER B 55 -4.11 -4.40 -12.40
CA SER B 55 -4.57 -5.76 -12.15
C SER B 55 -5.44 -5.71 -10.91
N SER B 56 -6.17 -6.79 -10.63
CA SER B 56 -7.02 -6.82 -9.45
C SER B 56 -6.14 -6.72 -8.22
N CYS B 57 -4.95 -7.33 -8.30
CA CYS B 57 -4.01 -7.30 -7.17
C CYS B 57 -3.70 -5.86 -6.82
N HIS B 58 -3.31 -5.09 -7.83
CA HIS B 58 -3.00 -3.70 -7.64
C HIS B 58 -4.23 -2.99 -7.09
N PHE B 59 -5.38 -3.16 -7.74
CA PHE B 59 -6.59 -2.49 -7.28
C PHE B 59 -6.93 -2.79 -5.84
N PHE B 60 -7.12 -4.07 -5.53
CA PHE B 60 -7.49 -4.49 -4.18
C PHE B 60 -6.53 -4.07 -3.09
N ALA B 61 -5.22 -4.12 -3.38
CA ALA B 61 -4.20 -3.70 -2.42
C ALA B 61 -4.31 -2.19 -2.18
N THR B 62 -4.60 -1.43 -3.23
CA THR B 62 -4.78 0.01 -3.15
C THR B 62 -6.00 0.29 -2.27
N LYS B 63 -7.12 -0.31 -2.64
CA LYS B 63 -8.37 -0.16 -1.90
C LYS B 63 -8.24 -0.54 -0.42
N CYS B 64 -7.23 -1.36 -0.11
CA CYS B 64 -7.02 -1.81 1.27
C CYS B 64 -6.42 -0.72 2.15
N THR B 65 -5.51 0.08 1.60
CA THR B 65 -4.89 1.15 2.38
C THR B 65 -5.97 2.15 2.75
N LEU B 66 -6.95 2.27 1.86
CA LEU B 66 -8.08 3.18 2.04
C LEU B 66 -9.16 2.65 2.96
N GLU B 67 -8.94 1.46 3.51
CA GLU B 67 -9.90 0.82 4.42
C GLU B 67 -10.25 1.77 5.57
N GLY B 68 -11.54 1.92 5.83
CA GLY B 68 -11.99 2.80 6.91
C GLY B 68 -12.10 4.26 6.50
N THR B 69 -11.67 4.55 5.29
CA THR B 69 -11.71 5.91 4.74
C THR B 69 -12.95 6.08 3.86
N LYS B 70 -13.43 7.31 3.70
CA LYS B 70 -14.58 7.57 2.85
C LYS B 70 -14.27 7.15 1.42
N LYS B 71 -13.11 7.59 0.91
CA LYS B 71 -12.64 7.28 -0.43
C LYS B 71 -12.60 5.77 -0.64
N GLY B 72 -12.10 5.06 0.38
CA GLY B 72 -12.02 3.62 0.29
C GLY B 72 -13.40 3.01 0.23
N HIS B 73 -14.33 3.58 0.99
CA HIS B 73 -15.69 3.09 1.04
C HIS B 73 -16.34 3.15 -0.33
N LYS B 74 -16.09 4.23 -1.03
CA LYS B 74 -16.66 4.44 -2.36
C LYS B 74 -15.84 3.82 -3.49
N LEU B 75 -14.62 3.37 -3.19
CA LEU B 75 -13.76 2.78 -4.20
C LEU B 75 -14.24 1.37 -4.51
N HIS B 76 -14.55 1.09 -5.77
CA HIS B 76 -15.03 -0.22 -6.15
C HIS B 76 -14.58 -0.61 -7.55
N LEU B 77 -14.40 -1.91 -7.77
CA LEU B 77 -13.99 -2.43 -9.07
C LEU B 77 -15.23 -2.34 -9.95
N ASP B 78 -15.09 -1.73 -11.12
CA ASP B 78 -16.22 -1.57 -12.03
C ASP B 78 -16.28 -2.78 -12.97
N TYR B 79 -15.15 -3.12 -13.57
CA TYR B 79 -15.08 -4.26 -14.46
C TYR B 79 -13.65 -4.62 -14.83
N ILE B 80 -13.42 -5.89 -15.13
CA ILE B 80 -12.11 -6.40 -15.52
C ILE B 80 -11.78 -5.82 -16.89
N GLY B 81 -10.49 -5.58 -17.14
CA GLY B 81 -10.04 -5.01 -18.39
C GLY B 81 -9.81 -3.52 -18.20
N PRO B 82 -9.01 -2.87 -19.04
CA PRO B 82 -8.75 -1.44 -18.89
C PRO B 82 -10.00 -0.59 -19.15
N CYS B 83 -10.01 0.62 -18.60
CA CYS B 83 -11.14 1.53 -18.76
C CYS B 83 -11.38 1.85 -20.22
N LYS B 84 -12.66 2.03 -20.56
CA LYS B 84 -13.06 2.29 -21.92
C LYS B 84 -14.35 3.08 -21.97
N TYR B 85 -14.70 3.58 -23.16
CA TYR B 85 -15.95 4.33 -23.26
C TYR B 85 -17.12 3.38 -23.09
N ILE B 86 -18.00 3.74 -22.16
CA ILE B 86 -19.18 2.97 -21.88
C ILE B 86 -20.33 3.91 -22.23
N PRO B 87 -21.15 3.54 -23.23
CA PRO B 87 -22.28 4.38 -23.64
C PRO B 87 -23.32 4.42 -22.54
N PRO B 88 -24.18 5.44 -22.55
CA PRO B 88 -25.20 5.52 -21.50
C PRO B 88 -26.34 4.53 -21.68
N CYS B 89 -26.92 4.13 -20.55
CA CYS B 89 -28.05 3.22 -20.55
C CYS B 89 -29.31 4.02 -20.80
N LEU B 90 -29.87 3.90 -22.00
CA LEU B 90 -31.11 4.60 -22.32
C LEU B 90 -32.24 3.99 -21.47
N ASP B 91 -33.27 4.76 -21.20
CA ASP B 91 -34.39 4.27 -20.41
C ASP B 91 -35.05 3.00 -20.95
N SER B 92 -35.09 2.85 -22.28
CA SER B 92 -35.68 1.66 -22.89
C SER B 92 -34.83 0.44 -22.58
N GLU B 93 -33.51 0.62 -22.72
CA GLU B 93 -32.54 -0.44 -22.45
C GLU B 93 -32.75 -0.94 -21.03
N LEU B 94 -32.79 -0.01 -20.08
CA LEU B 94 -33.00 -0.32 -18.67
C LEU B 94 -34.30 -1.10 -18.41
N THR B 95 -35.28 -0.98 -19.30
CA THR B 95 -36.53 -1.70 -19.12
C THR B 95 -36.42 -3.16 -19.57
N GLU B 96 -35.58 -3.40 -20.57
CA GLU B 96 -35.38 -4.76 -21.07
C GLU B 96 -34.37 -5.54 -20.22
N PHE B 97 -33.38 -4.84 -19.69
CA PHE B 97 -32.31 -5.45 -18.91
C PHE B 97 -32.69 -6.65 -18.04
N PRO B 98 -33.69 -6.50 -17.15
CA PRO B 98 -34.03 -7.65 -16.31
C PRO B 98 -34.53 -8.83 -17.13
N LEU B 99 -35.28 -8.52 -18.19
CA LEU B 99 -35.83 -9.54 -19.06
C LEU B 99 -34.75 -10.28 -19.82
N ARG B 100 -33.88 -9.54 -20.48
CA ARG B 100 -32.79 -10.14 -21.25
C ARG B 100 -31.78 -10.84 -20.33
N MET B 101 -31.56 -10.25 -19.16
CA MET B 101 -30.62 -10.79 -18.18
C MET B 101 -31.04 -12.17 -17.72
N ARG B 102 -32.26 -12.30 -17.21
CA ARG B 102 -32.73 -13.59 -16.70
C ARG B 102 -32.79 -14.72 -17.71
N ASP B 103 -32.96 -14.41 -18.99
CA ASP B 103 -32.95 -15.45 -20.01
C ASP B 103 -31.51 -15.83 -20.23
N TRP B 104 -30.64 -14.82 -20.25
CA TRP B 104 -29.21 -15.03 -20.44
C TRP B 104 -28.72 -15.95 -19.32
N LEU B 105 -29.13 -15.65 -18.09
CA LEU B 105 -28.73 -16.44 -16.94
C LEU B 105 -29.20 -17.89 -17.05
N LYS B 106 -30.42 -18.11 -17.51
CA LYS B 106 -30.94 -19.46 -17.68
C LYS B 106 -30.09 -20.22 -18.69
N ASN B 107 -29.86 -19.60 -19.85
CA ASN B 107 -29.05 -20.21 -20.90
C ASN B 107 -27.64 -20.49 -20.41
N VAL B 108 -27.06 -19.53 -19.69
CA VAL B 108 -25.72 -19.70 -19.15
C VAL B 108 -25.70 -20.96 -18.27
N LEU B 109 -26.79 -21.15 -17.51
CA LEU B 109 -26.93 -22.29 -16.63
C LEU B 109 -27.10 -23.61 -17.38
N VAL B 110 -27.80 -23.57 -18.52
CA VAL B 110 -28.03 -24.79 -19.29
C VAL B 110 -26.77 -25.36 -19.95
N THR B 111 -25.93 -24.51 -20.53
CA THR B 111 -24.70 -24.97 -21.18
C THR B 111 -23.57 -25.14 -20.17
N LEU B 112 -23.71 -24.54 -18.99
CA LEU B 112 -22.69 -24.65 -17.96
C LEU B 112 -22.85 -25.96 -17.22
N TYR B 113 -24.07 -26.23 -16.78
CA TYR B 113 -24.37 -27.45 -16.06
C TYR B 113 -25.13 -28.35 -17.03
N GLU B 114 -24.42 -29.20 -17.74
CA GLU B 114 -25.05 -30.10 -18.72
C GLU B 114 -25.12 -31.53 -18.27
N ARG B 115 -24.10 -31.98 -17.55
CA ARG B 115 -24.00 -33.35 -17.08
C ARG B 115 -23.73 -33.37 -15.59
N ASP B 116 -23.84 -34.54 -14.98
CA ASP B 116 -23.62 -34.70 -13.55
C ASP B 116 -22.21 -34.28 -13.15
N GLU B 117 -21.28 -34.34 -14.09
CA GLU B 117 -19.91 -33.94 -13.83
C GLU B 117 -19.88 -32.42 -13.67
N ASP B 118 -20.76 -31.73 -14.38
CA ASP B 118 -20.87 -30.29 -14.29
C ASP B 118 -21.55 -29.96 -12.97
N ASN B 119 -22.51 -30.78 -12.59
CA ASN B 119 -23.27 -30.59 -11.35
C ASN B 119 -22.49 -31.02 -10.12
N ASN B 120 -21.17 -30.86 -10.15
CA ASN B 120 -20.32 -31.28 -9.03
C ASN B 120 -20.44 -30.52 -7.71
N LEU B 121 -20.41 -29.20 -7.77
CA LEU B 121 -20.48 -28.41 -6.54
C LEU B 121 -21.91 -28.03 -6.12
N LEU B 122 -22.90 -28.54 -6.86
CA LEU B 122 -24.29 -28.25 -6.57
C LEU B 122 -24.88 -29.20 -5.55
N THR B 123 -25.73 -28.67 -4.66
CA THR B 123 -26.41 -29.50 -3.68
C THR B 123 -27.44 -30.33 -4.47
N GLU B 124 -28.14 -31.22 -3.78
CA GLU B 124 -29.14 -32.05 -4.47
C GLU B 124 -30.34 -31.25 -4.92
N LYS B 125 -30.80 -30.35 -4.05
CA LYS B 125 -31.94 -29.46 -4.31
C LYS B 125 -31.70 -28.66 -5.60
N GLN B 126 -30.46 -28.18 -5.75
CA GLN B 126 -30.04 -27.42 -6.92
C GLN B 126 -29.91 -28.32 -8.13
N LYS B 127 -29.28 -29.48 -7.95
CA LYS B 127 -29.11 -30.46 -9.04
C LYS B 127 -30.48 -30.73 -9.65
N LEU B 128 -31.48 -30.88 -8.79
CA LEU B 128 -32.85 -31.15 -9.24
C LEU B 128 -33.40 -29.97 -10.03
N ARG B 129 -33.13 -28.75 -9.60
CA ARG B 129 -33.62 -27.59 -10.32
C ARG B 129 -33.08 -27.54 -11.75
N VAL B 130 -31.78 -27.79 -11.94
CA VAL B 130 -31.23 -27.75 -13.30
C VAL B 130 -31.78 -28.90 -14.13
N LYS B 131 -32.03 -30.04 -13.49
CA LYS B 131 -32.59 -31.20 -14.17
C LYS B 131 -33.87 -30.72 -14.84
N LYS B 132 -34.71 -30.08 -14.04
CA LYS B 132 -35.98 -29.54 -14.50
C LYS B 132 -35.76 -28.53 -15.62
N ILE B 133 -34.80 -27.63 -15.44
CA ILE B 133 -34.49 -26.61 -16.47
C ILE B 133 -34.26 -27.36 -17.78
N HIS B 134 -33.49 -28.43 -17.70
CA HIS B 134 -33.15 -29.24 -18.86
C HIS B 134 -34.37 -29.94 -19.43
N GLU B 135 -35.26 -30.41 -18.57
CA GLU B 135 -36.47 -31.08 -19.02
C GLU B 135 -37.29 -30.10 -19.83
N ASN B 136 -37.38 -28.87 -19.34
CA ASN B 136 -38.12 -27.80 -20.00
C ASN B 136 -37.51 -27.37 -21.33
N GLU B 137 -36.20 -27.18 -21.34
CA GLU B 137 -35.53 -26.77 -22.56
C GLU B 137 -35.79 -27.77 -23.68
N LYS B 138 -35.65 -29.06 -23.37
CA LYS B 138 -35.90 -30.11 -24.36
C LYS B 138 -37.32 -30.00 -24.91
N ARG B 139 -38.25 -29.61 -24.04
CA ARG B 139 -39.64 -29.45 -24.43
C ARG B 139 -39.80 -28.26 -25.36
N LEU B 140 -39.09 -27.17 -25.07
CA LEU B 140 -39.16 -25.98 -25.90
C LEU B 140 -38.62 -26.28 -27.31
N GLU B 141 -37.84 -27.35 -27.41
CA GLU B 141 -37.25 -27.75 -28.68
C GLU B 141 -38.16 -28.70 -29.46
N ALA B 142 -39.38 -28.94 -28.96
CA ALA B 142 -40.28 -29.87 -29.64
C ALA B 142 -41.80 -29.75 -29.40
N GLY B 143 -42.22 -28.82 -28.54
CA GLY B 143 -43.65 -28.68 -28.29
C GLY B 143 -44.36 -27.79 -29.30
N ASP B 144 -45.42 -28.31 -29.93
CA ASP B 144 -46.20 -27.58 -30.93
C ASP B 144 -46.36 -26.07 -30.66
N HIS B 145 -46.80 -25.74 -29.45
CA HIS B 145 -46.97 -24.35 -29.08
C HIS B 145 -46.20 -24.08 -27.79
N PRO B 146 -45.11 -23.29 -27.88
CA PRO B 146 -44.29 -22.97 -26.72
C PRO B 146 -45.11 -22.28 -25.64
N GLU B 147 -44.77 -22.56 -24.38
CA GLU B 147 -45.47 -21.98 -23.25
C GLU B 147 -44.56 -21.01 -22.51
N LYS B 148 -45.17 -20.15 -21.72
CA LYS B 148 -44.42 -19.14 -20.98
C LYS B 148 -44.03 -19.74 -19.63
N ASN B 149 -42.73 -19.81 -19.33
CA ASN B 149 -42.35 -20.36 -18.04
C ASN B 149 -41.38 -19.58 -17.17
N TYR B 150 -41.98 -18.78 -16.29
CA TYR B 150 -41.27 -17.95 -15.34
C TYR B 150 -40.51 -18.80 -14.31
N ASN B 151 -41.06 -19.99 -14.03
CA ASN B 151 -40.47 -20.90 -13.04
C ASN B 151 -39.04 -21.23 -13.40
N MET B 152 -38.81 -21.38 -14.69
CA MET B 152 -37.48 -21.71 -15.20
C MET B 152 -36.46 -20.60 -15.00
N TYR B 153 -36.90 -19.52 -14.34
CA TYR B 153 -36.02 -18.38 -14.05
C TYR B 153 -35.58 -18.37 -12.59
N ILE B 154 -36.42 -18.93 -11.73
CA ILE B 154 -36.16 -18.95 -10.31
C ILE B 154 -34.74 -19.40 -9.98
N PHE B 155 -34.36 -20.60 -10.41
CA PHE B 155 -33.01 -21.07 -10.08
C PHE B 155 -31.87 -20.29 -10.73
N PRO B 156 -31.94 -20.04 -12.06
CA PRO B 156 -30.86 -19.29 -12.69
C PRO B 156 -30.58 -18.01 -11.91
N VAL B 157 -31.64 -17.32 -11.52
CA VAL B 157 -31.55 -16.08 -10.77
C VAL B 157 -30.93 -16.28 -9.38
N HIS B 158 -31.30 -17.34 -8.69
CA HIS B 158 -30.73 -17.61 -7.37
C HIS B 158 -29.27 -17.98 -7.52
N TRP B 159 -29.01 -18.84 -8.50
CA TRP B 159 -27.67 -19.30 -8.83
C TRP B 159 -26.73 -18.11 -8.97
N GLN B 160 -27.03 -17.25 -9.93
CA GLN B 160 -26.22 -16.07 -10.19
C GLN B 160 -25.89 -15.29 -8.93
N PHE B 161 -26.86 -15.12 -8.02
CA PHE B 161 -26.58 -14.39 -6.80
C PHE B 161 -25.45 -15.04 -6.03
N GLY B 162 -25.58 -16.34 -5.79
CA GLY B 162 -24.56 -17.07 -5.07
C GLY B 162 -23.19 -17.01 -5.74
N GLN B 163 -23.18 -17.08 -7.07
CA GLN B 163 -21.93 -17.03 -7.80
C GLN B 163 -21.23 -15.71 -7.51
N LEU B 164 -21.99 -14.61 -7.55
CA LEU B 164 -21.44 -13.27 -7.33
C LEU B 164 -21.08 -12.97 -5.88
N ASP B 165 -21.93 -13.41 -4.96
CA ASP B 165 -21.72 -13.19 -3.52
C ASP B 165 -20.49 -13.98 -3.04
N GLN B 166 -19.31 -13.44 -3.31
CA GLN B 166 -18.06 -14.09 -2.94
C GLN B 166 -17.13 -13.26 -2.07
N HIS B 167 -16.90 -12.00 -2.45
CA HIS B 167 -15.99 -11.15 -1.69
C HIS B 167 -16.61 -10.00 -0.92
N PRO B 168 -17.12 -10.27 0.29
CA PRO B 168 -17.14 -11.57 0.95
C PRO B 168 -18.53 -12.20 0.87
N ILE B 169 -18.61 -13.50 1.14
CA ILE B 169 -19.89 -14.20 1.12
C ILE B 169 -20.64 -13.70 2.34
N ASP B 170 -21.51 -12.71 2.15
CA ASP B 170 -22.28 -12.11 3.25
C ASP B 170 -23.78 -12.01 2.98
N GLY B 171 -24.17 -12.27 1.75
CA GLY B 171 -25.58 -12.21 1.40
C GLY B 171 -25.97 -10.95 0.69
N TYR B 172 -24.98 -10.11 0.39
CA TYR B 172 -25.21 -8.85 -0.33
C TYR B 172 -24.19 -8.76 -1.45
N LEU B 173 -24.53 -8.04 -2.50
CA LEU B 173 -23.60 -7.86 -3.60
C LEU B 173 -23.19 -6.40 -3.65
N SER B 174 -21.89 -6.17 -3.60
CA SER B 174 -21.35 -4.83 -3.65
C SER B 174 -21.09 -4.45 -5.11
N HIS B 175 -20.82 -3.17 -5.36
CA HIS B 175 -20.53 -2.70 -6.70
C HIS B 175 -19.40 -3.54 -7.33
N THR B 176 -18.46 -3.96 -6.48
CA THR B 176 -17.32 -4.76 -6.88
C THR B 176 -17.76 -6.15 -7.31
N GLU B 177 -18.63 -6.75 -6.51
CA GLU B 177 -19.14 -8.08 -6.78
C GLU B 177 -19.98 -8.19 -8.05
N LEU B 178 -20.55 -7.08 -8.49
CA LEU B 178 -21.35 -7.06 -9.71
C LEU B 178 -20.45 -6.85 -10.93
N ALA B 179 -19.17 -6.65 -10.68
CA ALA B 179 -18.21 -6.44 -11.77
C ALA B 179 -18.32 -7.48 -12.86
N PRO B 180 -18.46 -8.76 -12.51
CA PRO B 180 -18.58 -9.81 -13.55
C PRO B 180 -19.73 -9.55 -14.52
N LEU B 181 -20.79 -8.92 -14.02
CA LEU B 181 -21.94 -8.63 -14.85
C LEU B 181 -21.76 -7.42 -15.76
N ARG B 182 -20.58 -6.80 -15.71
CA ARG B 182 -20.32 -5.64 -16.57
C ARG B 182 -19.44 -6.02 -17.74
N ALA B 183 -19.23 -7.32 -17.92
CA ALA B 183 -18.39 -7.84 -19.01
C ALA B 183 -19.11 -7.77 -20.33
N PRO B 184 -18.36 -7.66 -21.44
CA PRO B 184 -18.88 -7.59 -22.81
C PRO B 184 -19.86 -8.67 -23.24
N LEU B 185 -19.78 -9.82 -22.60
CA LEU B 185 -20.66 -10.93 -22.95
C LEU B 185 -22.08 -10.70 -22.45
N ILE B 186 -22.21 -10.06 -21.30
CA ILE B 186 -23.52 -9.77 -20.73
C ILE B 186 -24.32 -8.88 -21.70
N PRO B 187 -25.61 -9.15 -21.86
CA PRO B 187 -26.39 -8.31 -22.77
C PRO B 187 -26.73 -6.97 -22.10
N MET B 188 -26.33 -5.88 -22.75
CA MET B 188 -26.58 -4.53 -22.25
C MET B 188 -25.90 -4.38 -20.90
N GLU B 189 -24.64 -4.82 -20.82
CA GLU B 189 -23.88 -4.75 -19.59
C GLU B 189 -23.78 -3.32 -19.07
N HIS B 190 -23.81 -2.35 -19.98
CA HIS B 190 -23.74 -0.94 -19.58
C HIS B 190 -24.93 -0.49 -18.73
N CYS B 191 -25.98 -1.31 -18.66
CA CYS B 191 -27.14 -0.98 -17.86
C CYS B 191 -27.11 -1.60 -16.47
N THR B 192 -26.08 -2.42 -16.22
CA THR B 192 -25.91 -3.11 -14.94
C THR B 192 -25.93 -2.19 -13.71
N THR B 193 -25.08 -1.18 -13.71
CA THR B 193 -25.02 -0.26 -12.57
C THR B 193 -26.32 0.52 -12.39
N ARG B 194 -26.84 1.08 -13.48
CA ARG B 194 -28.07 1.83 -13.42
C ARG B 194 -29.17 0.91 -12.88
N PHE B 195 -29.31 -0.26 -13.51
CA PHE B 195 -30.32 -1.22 -13.11
C PHE B 195 -30.20 -1.60 -11.64
N PHE B 196 -29.07 -2.12 -11.25
CA PHE B 196 -28.92 -2.53 -9.86
C PHE B 196 -29.14 -1.41 -8.86
N GLU B 197 -28.78 -0.19 -9.23
CA GLU B 197 -29.01 0.96 -8.36
C GLU B 197 -30.53 0.97 -8.16
N THR B 198 -31.24 0.83 -9.26
CA THR B 198 -32.70 0.78 -9.24
C THR B 198 -33.18 -0.30 -8.27
N CYS B 199 -32.38 -1.36 -8.13
CA CYS B 199 -32.73 -2.47 -7.24
C CYS B 199 -32.39 -2.24 -5.77
N ASP B 200 -31.42 -1.37 -5.50
CA ASP B 200 -30.96 -1.03 -4.14
C ASP B 200 -32.04 -0.28 -3.38
N LEU B 201 -33.09 -0.98 -2.98
CA LEU B 201 -34.22 -0.39 -2.27
C LEU B 201 -33.87 0.51 -1.09
N ASP B 202 -33.31 -0.07 -0.03
CA ASP B 202 -32.98 0.74 1.14
C ASP B 202 -31.78 1.68 0.95
N ASN B 203 -31.18 1.60 -0.23
CA ASN B 203 -30.05 2.45 -0.58
C ASN B 203 -28.84 2.34 0.33
N ASP B 204 -28.43 1.10 0.65
CA ASP B 204 -27.23 0.87 1.48
C ASP B 204 -26.04 0.51 0.61
N LYS B 205 -26.27 0.53 -0.70
CA LYS B 205 -25.25 0.24 -1.70
C LYS B 205 -24.93 -1.25 -1.83
N TYR B 206 -25.83 -2.08 -1.33
CA TYR B 206 -25.67 -3.53 -1.41
C TYR B 206 -26.98 -4.10 -1.91
N ILE B 207 -26.91 -5.10 -2.76
CA ILE B 207 -28.13 -5.73 -3.24
C ILE B 207 -28.31 -7.01 -2.42
N ALA B 208 -29.37 -7.06 -1.62
CA ALA B 208 -29.66 -8.22 -0.80
C ALA B 208 -30.44 -9.21 -1.66
N LEU B 209 -30.47 -10.47 -1.24
CA LEU B 209 -31.16 -11.51 -2.01
C LEU B 209 -32.58 -11.14 -2.42
N ASP B 210 -33.38 -10.60 -1.49
CA ASP B 210 -34.74 -10.21 -1.83
C ASP B 210 -34.77 -9.06 -2.83
N GLU B 211 -33.79 -8.17 -2.74
CA GLU B 211 -33.67 -7.05 -3.67
C GLU B 211 -33.31 -7.58 -5.05
N TRP B 212 -32.36 -8.51 -5.07
CA TRP B 212 -31.89 -9.14 -6.30
C TRP B 212 -33.03 -9.90 -6.95
N ALA B 213 -33.61 -10.84 -6.19
CA ALA B 213 -34.70 -11.67 -6.68
C ALA B 213 -35.83 -10.81 -7.19
N GLY B 214 -36.28 -9.89 -6.34
CA GLY B 214 -37.36 -8.99 -6.71
C GLY B 214 -37.10 -8.30 -8.02
N CYS B 215 -35.91 -7.76 -8.18
CA CYS B 215 -35.56 -7.04 -9.39
C CYS B 215 -35.67 -7.86 -10.66
N PHE B 216 -35.63 -9.18 -10.52
CA PHE B 216 -35.74 -10.07 -11.67
C PHE B 216 -37.13 -10.68 -11.82
N GLY B 217 -38.01 -10.28 -10.91
CA GLY B 217 -39.38 -10.75 -10.95
C GLY B 217 -39.69 -12.07 -10.30
N ILE B 218 -38.86 -12.47 -9.34
CA ILE B 218 -39.11 -13.72 -8.66
C ILE B 218 -40.04 -13.38 -7.51
N LYS B 219 -41.12 -14.14 -7.36
CA LYS B 219 -42.08 -13.90 -6.29
C LYS B 219 -41.37 -14.12 -4.97
N GLN B 220 -41.77 -13.39 -3.95
CA GLN B 220 -41.16 -13.53 -2.63
C GLN B 220 -41.37 -14.93 -2.08
N LYS B 221 -42.41 -15.60 -2.58
CA LYS B 221 -42.73 -16.95 -2.16
C LYS B 221 -41.68 -17.90 -2.69
N ASP B 222 -41.15 -17.59 -3.86
CA ASP B 222 -40.15 -18.45 -4.50
C ASP B 222 -38.71 -18.11 -4.16
N ILE B 223 -38.50 -17.26 -3.15
CA ILE B 223 -37.13 -16.92 -2.76
C ILE B 223 -36.71 -17.93 -1.73
N ASP B 224 -35.80 -18.79 -2.17
CA ASP B 224 -35.25 -19.86 -1.36
C ASP B 224 -33.77 -19.53 -1.22
N LYS B 225 -33.26 -19.60 0.01
CA LYS B 225 -31.85 -19.31 0.24
C LYS B 225 -31.01 -20.57 0.01
N ASP B 226 -31.64 -21.73 0.15
CA ASP B 226 -30.94 -23.00 -0.07
C ASP B 226 -30.37 -23.04 -1.47
N LEU B 227 -31.09 -22.44 -2.42
CA LEU B 227 -30.67 -22.41 -3.81
C LEU B 227 -29.41 -21.56 -4.04
N VAL B 228 -29.01 -20.83 -3.01
CA VAL B 228 -27.84 -19.96 -3.08
C VAL B 228 -26.68 -20.56 -2.30
N ILE B 229 -26.95 -21.67 -1.61
CA ILE B 229 -25.97 -22.40 -0.80
C ILE B 229 -24.89 -23.04 -1.67
C1 NAG C . 22.62 -5.72 -4.39
C2 NAG C . 23.66 -6.77 -4.66
C3 NAG C . 24.72 -6.15 -5.56
C4 NAG C . 24.02 -5.85 -6.87
C5 NAG C . 22.75 -4.99 -6.68
C6 NAG C . 21.88 -4.98 -7.93
C7 NAG C . 25.22 -6.97 -2.77
C8 NAG C . 25.55 -7.83 -1.56
N2 NAG C . 24.17 -7.40 -3.45
O3 NAG C . 25.79 -7.07 -5.77
O4 NAG C . 24.95 -5.19 -7.76
O5 NAG C . 21.91 -5.49 -5.62
O6 NAG C . 21.17 -6.21 -8.08
O7 NAG C . 25.86 -5.95 -3.03
C1 NAG C . 25.42 -5.92 -8.83
C2 NAG C . 26.21 -5.10 -9.78
C3 NAG C . 26.33 -5.83 -11.07
C4 NAG C . 27.39 -6.83 -10.68
C5 NAG C . 27.02 -7.66 -9.38
C6 NAG C . 28.30 -8.14 -8.71
C7 NAG C . 25.25 -2.91 -9.21
C8 NAG C . 25.73 -1.47 -9.37
N2 NAG C . 26.15 -3.67 -9.84
O3 NAG C . 26.78 -4.98 -12.13
O4 NAG C . 27.68 -7.70 -11.76
O5 NAG C . 26.33 -6.90 -8.34
O6 NAG C . 28.13 -8.22 -7.30
O7 NAG C . 24.06 -3.20 -9.05
C1 NAG D . -12.56 6.24 -19.09
C2 NAG D . -13.10 7.31 -20.01
C3 NAG D . -13.17 6.74 -21.41
C4 NAG D . -11.73 6.49 -21.81
C5 NAG D . -10.98 5.59 -20.79
C6 NAG D . -9.47 5.62 -21.02
C7 NAG D . -15.55 7.46 -19.83
C8 NAG D . -16.66 8.28 -19.19
N2 NAG D . -14.34 7.90 -19.51
O3 NAG D . -13.77 7.68 -22.29
O4 NAG D . -11.72 5.86 -23.13
O5 NAG D . -11.18 6.04 -19.43
O6 NAG D . -8.91 6.84 -20.56
O7 NAG D . -15.78 6.46 -20.50
C1 NAG D . -11.27 6.63 -24.18
C2 NAG D . -11.13 5.87 -25.43
C3 NAG D . -10.28 6.65 -26.38
C4 NAG D . -11.31 7.64 -26.84
C5 NAG D . -12.02 8.42 -25.65
C6 NAG D . -13.39 8.89 -26.10
C7 NAG D . -10.83 3.64 -24.43
C8 NAG D . -11.03 2.22 -24.94
N2 NAG D . -11.01 4.43 -25.48
O3 NAG D . -9.82 5.85 -27.46
O4 NAG D . -10.74 8.57 -27.76
O5 NAG D . -12.27 7.60 -24.45
O6 NAG D . -14.30 8.93 -25.01
O7 NAG D . -10.14 3.91 -23.44
CA CA E . 14.79 9.79 14.68
CA CA F . 20.99 2.11 21.28
CA CA G . 33.07 7.55 -0.13
CA CA H . -20.72 -10.09 -0.85
CA CA I . -29.91 -2.56 -0.53
CA CA J . -22.63 -7.04 -24.21
#